data_3IEF
#
_entry.id   3IEF
#
_cell.length_a   56.017
_cell.length_b   84.467
_cell.length_c   97.192
_cell.angle_alpha   90.000
_cell.angle_beta   90.000
_cell.angle_gamma   90.000
#
_symmetry.space_group_name_H-M   'P 21 21 21'
#
loop_
_entity.id
_entity.type
_entity.pdbx_description
1 polymer 'tRNA (guanine-N(1)-)-methyltransferase'
2 water water
#
_entity_poly.entity_id   1
_entity_poly.type   'polypeptide(L)'
_entity_poly.pdbx_seq_one_letter_code
;SMKFQARVLTLYPEMFPGFLGCSLAGQALKQGIWSLETVQIRDFALDKHHSVDDTPAGGGAGMVMRADVLAAALDSCPND
SPRLLMSPRGRLLNQAYARSLARSSGVTLVCGRFEGVDERIIEARELEEVSIGDYILSGGETAALVLLDAIVRLLPGVMG
NEISAKCESFENGLLEHPQYTRPAVFEGRGIPPVLTSGHHKAIANWRQQQAESLTRQRRPDLYALYNKNRQKT
;
_entity_poly.pdbx_strand_id   A,B
#
# COMPACT_ATOMS: atom_id res chain seq x y z
N LYS A 3 20.48 -2.09 14.99
CA LYS A 3 19.31 -1.18 15.28
C LYS A 3 18.87 -0.29 14.09
N PHE A 4 17.71 -0.58 13.51
CA PHE A 4 17.27 0.05 12.24
C PHE A 4 16.64 1.42 12.42
N GLN A 5 17.21 2.41 11.71
CA GLN A 5 16.83 3.79 11.95
C GLN A 5 16.00 4.45 10.84
N ALA A 6 14.71 4.60 11.13
CA ALA A 6 13.77 5.17 10.20
C ALA A 6 13.62 6.64 10.54
N ARG A 7 13.73 7.50 9.53
CA ARG A 7 13.47 8.93 9.68
C ARG A 7 12.39 9.34 8.69
N VAL A 8 11.34 9.99 9.19
CA VAL A 8 10.23 10.34 8.33
C VAL A 8 9.99 11.83 8.31
N LEU A 9 10.16 12.43 7.13
CA LEU A 9 9.95 13.87 6.95
C LEU A 9 8.52 14.12 6.55
N THR A 10 7.81 14.78 7.45
CA THR A 10 6.37 14.85 7.34
C THR A 10 5.79 16.15 7.86
N LEU A 11 4.62 16.49 7.35
CA LEU A 11 3.87 17.64 7.85
C LEU A 11 3.04 17.18 9.06
N TYR A 12 2.88 15.87 9.23
CA TYR A 12 2.07 15.32 10.33
C TYR A 12 2.79 14.28 11.19
N PRO A 13 3.72 14.75 12.04
CA PRO A 13 4.45 13.81 12.91
C PRO A 13 3.50 13.04 13.79
N GLU A 14 2.31 13.60 14.01
CA GLU A 14 1.33 12.99 14.95
C GLU A 14 0.65 11.69 14.42
N MET A 15 0.82 11.40 13.13
CA MET A 15 0.34 10.16 12.50
C MET A 15 1.28 8.99 12.74
N PHE A 16 2.35 9.24 13.51
CA PHE A 16 3.39 8.27 13.73
C PHE A 16 3.59 8.07 15.22
N PRO A 17 3.85 6.81 15.65
CA PRO A 17 3.99 5.58 14.84
C PRO A 17 2.69 5.02 14.24
N GLY A 18 1.54 5.56 14.64
CA GLY A 18 0.25 5.01 14.26
C GLY A 18 0.15 3.53 14.57
N PHE A 19 -0.34 2.74 13.61
CA PHE A 19 -0.52 1.30 13.80
C PHE A 19 0.80 0.55 13.93
N LEU A 20 1.90 1.19 13.53
CA LEU A 20 3.21 0.58 13.72
C LEU A 20 3.57 0.60 15.19
N GLY A 21 2.83 1.39 15.97
CA GLY A 21 2.96 1.40 17.41
C GLY A 21 2.33 0.15 18.01
N CYS A 22 1.54 -0.54 17.19
CA CYS A 22 0.75 -1.68 17.63
C CYS A 22 1.36 -3.04 17.28
N SER A 23 0.73 -4.10 17.81
CA SER A 23 1.05 -5.49 17.49
C SER A 23 2.56 -5.80 17.59
N LEU A 24 3.08 -6.62 16.69
CA LEU A 24 4.52 -6.97 16.72
C LEU A 24 5.48 -5.85 16.22
N ALA A 25 5.05 -5.06 15.24
CA ALA A 25 5.81 -3.87 14.82
C ALA A 25 6.17 -2.95 16.00
N GLY A 26 5.19 -2.72 16.88
CA GLY A 26 5.38 -1.94 18.09
C GLY A 26 6.16 -2.68 19.15
N GLN A 27 5.91 -3.97 19.28
CA GLN A 27 6.70 -4.85 20.15
C GLN A 27 8.19 -4.73 19.81
N ALA A 28 8.52 -4.81 18.51
CA ALA A 28 9.88 -4.63 18.01
C ALA A 28 10.42 -3.23 18.29
N LEU A 29 9.50 -2.26 18.33
CA LEU A 29 9.86 -0.90 18.67
C LEU A 29 10.25 -0.84 20.14
N LYS A 30 9.50 -1.54 21.00
CA LYS A 30 9.80 -1.62 22.43
C LYS A 30 11.17 -2.25 22.71
N GLN A 31 11.46 -3.40 22.08
CA GLN A 31 12.78 -4.01 22.25
C GLN A 31 13.90 -3.33 21.43
N GLY A 32 13.57 -2.19 20.81
CA GLY A 32 14.57 -1.41 20.07
C GLY A 32 15.28 -2.19 18.97
N ILE A 33 14.52 -2.92 18.16
CA ILE A 33 15.02 -3.49 16.90
C ILE A 33 15.03 -2.38 15.83
N TRP A 34 14.15 -1.39 16.02
CA TRP A 34 14.09 -0.21 15.15
C TRP A 34 13.63 1.01 15.92
N SER A 35 13.97 2.18 15.39
CA SER A 35 13.45 3.43 15.93
C SER A 35 12.77 4.26 14.84
N LEU A 36 11.85 5.13 15.29
CA LEU A 36 11.12 6.02 14.41
C LEU A 36 11.24 7.46 14.88
N GLU A 37 11.99 8.25 14.12
CA GLU A 37 12.15 9.69 14.36
C GLU A 37 11.34 10.47 13.29
N THR A 38 10.51 11.40 13.75
CA THR A 38 9.79 12.28 12.81
C THR A 38 10.42 13.66 12.77
N VAL A 39 10.51 14.23 11.57
CA VAL A 39 10.97 15.60 11.40
C VAL A 39 9.81 16.42 10.80
N GLN A 40 9.40 17.47 11.48
CA GLN A 40 8.38 18.38 10.95
C GLN A 40 9.00 19.31 9.92
N ILE A 41 8.56 19.18 8.65
CA ILE A 41 9.08 19.98 7.54
C ILE A 41 8.86 21.48 7.74
N ARG A 42 7.77 21.84 8.41
CA ARG A 42 7.39 23.24 8.61
C ARG A 42 8.39 23.96 9.49
N ASP A 43 9.23 23.21 10.22
CA ASP A 43 10.25 23.83 11.05
C ASP A 43 11.27 24.58 10.20
N PHE A 44 11.26 24.33 8.90
CA PHE A 44 12.25 24.87 8.00
C PHE A 44 11.67 25.88 7.01
N ALA A 45 10.43 26.30 7.27
CA ALA A 45 9.79 27.53 6.73
C ALA A 45 10.76 28.52 6.12
N SER A 51 6.59 29.48 3.96
CA SER A 51 5.64 28.39 3.67
C SER A 51 6.26 27.14 2.98
N VAL A 52 5.68 25.97 3.19
CA VAL A 52 6.24 24.70 2.68
C VAL A 52 6.06 24.47 1.17
N ASP A 53 4.94 24.99 0.65
CA ASP A 53 4.56 24.75 -0.74
C ASP A 53 4.44 26.09 -1.49
N ASP A 54 4.40 26.05 -2.81
CA ASP A 54 4.36 27.28 -3.57
C ASP A 54 3.98 27.04 -5.04
N THR A 55 3.72 28.15 -5.76
CA THR A 55 3.14 28.13 -7.10
C THR A 55 4.03 27.39 -8.06
N PRO A 56 3.44 26.53 -8.89
CA PRO A 56 4.14 25.84 -9.97
C PRO A 56 4.59 26.78 -11.10
N ALA A 57 5.86 26.73 -11.48
CA ALA A 57 6.36 27.54 -12.60
C ALA A 57 5.71 27.10 -13.90
N GLY A 58 5.18 28.07 -14.66
CA GLY A 58 4.46 27.80 -15.90
C GLY A 58 3.09 27.16 -15.70
N GLY A 59 2.48 27.38 -14.54
CA GLY A 59 1.16 26.84 -14.22
C GLY A 59 1.13 25.34 -13.97
N GLY A 60 0.05 24.88 -13.35
CA GLY A 60 -0.15 23.48 -13.01
C GLY A 60 -1.41 23.33 -12.21
N ALA A 61 -1.57 22.16 -11.57
CA ALA A 61 -2.82 21.82 -10.90
C ALA A 61 -2.81 22.16 -9.42
N GLY A 62 -1.72 21.89 -8.73
CA GLY A 62 -1.68 22.25 -7.32
C GLY A 62 -0.43 23.01 -6.97
N MET A 63 -0.20 23.15 -5.67
CA MET A 63 1.04 23.69 -5.17
C MET A 63 2.19 22.66 -5.27
N VAL A 64 3.43 23.15 -5.14
CA VAL A 64 4.65 22.35 -5.29
C VAL A 64 5.54 22.56 -4.07
N MET A 65 6.08 21.46 -3.52
CA MET A 65 6.95 21.54 -2.35
C MET A 65 8.28 22.18 -2.70
N ARG A 66 8.69 23.14 -1.89
CA ARG A 66 9.88 23.91 -2.19
C ARG A 66 11.16 23.12 -1.95
N ALA A 67 12.09 23.26 -2.90
CA ALA A 67 13.41 22.64 -2.84
C ALA A 67 14.20 23.10 -1.60
N ASP A 68 14.14 24.39 -1.29
CA ASP A 68 14.93 24.87 -0.18
C ASP A 68 14.38 24.42 1.17
N VAL A 69 13.06 24.45 1.37
CA VAL A 69 12.50 23.92 2.62
C VAL A 69 12.93 22.45 2.87
N LEU A 70 12.91 21.61 1.83
CA LEU A 70 13.21 20.21 1.99
C LEU A 70 14.71 19.94 2.16
N ALA A 71 15.54 20.68 1.43
CA ALA A 71 16.98 20.66 1.66
C ALA A 71 17.27 20.85 3.15
N ALA A 72 16.77 21.95 3.74
CA ALA A 72 17.09 22.30 5.12
C ALA A 72 16.66 21.20 6.07
N ALA A 73 15.48 20.65 5.81
CA ALA A 73 14.96 19.54 6.58
C ALA A 73 15.88 18.31 6.47
N LEU A 74 16.24 17.94 5.26
CA LEU A 74 17.13 16.81 5.05
C LEU A 74 18.52 17.04 5.65
N ASP A 75 19.05 18.25 5.46
CA ASP A 75 20.38 18.58 5.93
C ASP A 75 20.45 18.72 7.45
N SER A 76 19.31 18.62 8.13
CA SER A 76 19.29 18.84 9.57
C SER A 76 19.65 17.56 10.32
N CYS A 77 19.73 16.45 9.56
CA CYS A 77 20.13 15.15 10.07
C CYS A 77 21.04 14.45 9.04
N PRO A 78 21.81 13.42 9.45
CA PRO A 78 22.92 12.98 8.59
C PRO A 78 22.49 12.02 7.49
N ASN A 79 23.13 12.07 6.32
CA ASN A 79 22.81 11.14 5.24
C ASN A 79 23.51 9.81 5.52
N ASP A 80 22.96 9.07 6.48
CA ASP A 80 23.40 7.72 6.84
C ASP A 80 22.44 6.66 6.30
N SER A 81 21.66 7.03 5.28
CA SER A 81 20.46 6.30 4.89
C SER A 81 19.99 6.59 3.48
N PRO A 82 19.55 5.54 2.77
CA PRO A 82 18.86 5.74 1.49
C PRO A 82 17.75 6.79 1.65
N ARG A 83 17.58 7.65 0.66
CA ARG A 83 16.52 8.63 0.78
C ARG A 83 15.42 8.37 -0.22
N LEU A 84 14.20 8.20 0.30
CA LEU A 84 13.10 7.90 -0.60
C LEU A 84 12.06 9.00 -0.54
N LEU A 85 11.43 9.24 -1.68
CA LEU A 85 10.34 10.20 -1.76
C LEU A 85 9.03 9.49 -2.15
N MET A 86 8.04 9.65 -1.28
CA MET A 86 6.75 9.02 -1.48
C MET A 86 5.99 9.82 -2.53
N SER A 87 5.77 9.18 -3.68
CA SER A 87 5.25 9.85 -4.85
C SER A 87 4.57 8.88 -5.86
N PRO A 88 3.50 9.35 -6.52
CA PRO A 88 2.88 8.59 -7.61
C PRO A 88 3.83 8.41 -8.80
N ARG A 89 4.88 9.23 -8.85
CA ARG A 89 5.83 9.16 -9.95
C ARG A 89 6.87 8.06 -9.77
N GLY A 90 6.82 7.40 -8.62
CA GLY A 90 7.88 6.52 -8.19
C GLY A 90 7.89 5.17 -8.85
N ARG A 91 8.97 4.42 -8.62
CA ARG A 91 8.99 3.01 -8.94
C ARG A 91 7.95 2.33 -8.02
N LEU A 92 7.38 1.21 -8.49
CA LEU A 92 6.39 0.53 -7.68
C LEU A 92 7.03 -0.32 -6.59
N LEU A 93 6.65 -0.09 -5.35
CA LEU A 93 7.06 -0.97 -4.25
C LEU A 93 6.66 -2.41 -4.54
N ASN A 94 7.62 -3.32 -4.37
CA ASN A 94 7.38 -4.76 -4.36
C ASN A 94 8.14 -5.42 -3.19
N GLN A 95 7.97 -6.73 -3.03
CA GLN A 95 8.61 -7.43 -1.91
C GLN A 95 10.14 -7.41 -2.04
N ALA A 96 10.65 -7.67 -3.24
CA ALA A 96 12.11 -7.64 -3.48
C ALA A 96 12.71 -6.31 -3.01
N TYR A 97 12.02 -5.20 -3.31
CA TYR A 97 12.50 -3.87 -2.96
C TYR A 97 12.50 -3.71 -1.45
N ALA A 98 11.43 -4.22 -0.83
CA ALA A 98 11.27 -4.14 0.62
C ALA A 98 12.43 -4.88 1.27
N ARG A 99 12.77 -6.06 0.71
CA ARG A 99 13.85 -6.87 1.30
C ARG A 99 15.20 -6.13 1.24
N SER A 100 15.40 -5.42 0.13
CA SER A 100 16.60 -4.63 -0.10
C SER A 100 16.73 -3.58 0.97
N LEU A 101 15.71 -2.77 1.17
CA LEU A 101 15.77 -1.73 2.20
C LEU A 101 15.93 -2.30 3.59
N ALA A 102 15.26 -3.41 3.86
CA ALA A 102 15.34 -4.07 5.15
C ALA A 102 16.78 -4.47 5.51
N ARG A 103 17.67 -4.47 4.51
CA ARG A 103 19.09 -4.81 4.71
C ARG A 103 20.01 -3.58 4.89
N SER A 104 19.40 -2.39 4.93
CA SER A 104 20.13 -1.17 5.18
C SER A 104 20.25 -0.90 6.70
N SER A 105 21.00 0.14 7.04
CA SER A 105 21.16 0.60 8.44
C SER A 105 19.95 1.45 8.87
N GLY A 106 19.15 1.87 7.90
CA GLY A 106 18.01 2.73 8.15
C GLY A 106 17.42 3.21 6.84
N VAL A 107 16.38 4.04 6.93
CA VAL A 107 15.78 4.62 5.73
C VAL A 107 15.28 6.01 6.08
N THR A 108 15.41 6.93 5.13
CA THR A 108 14.83 8.28 5.28
C THR A 108 13.69 8.41 4.26
N LEU A 109 12.49 8.67 4.76
CA LEU A 109 11.32 8.78 3.90
C LEU A 109 10.78 10.20 3.88
N VAL A 110 10.72 10.78 2.69
CA VAL A 110 10.13 12.11 2.55
C VAL A 110 8.68 11.99 2.09
N CYS A 111 7.77 12.54 2.91
CA CYS A 111 6.37 12.54 2.55
C CYS A 111 5.98 13.79 1.74
N GLY A 112 5.78 13.56 0.44
CA GLY A 112 5.19 14.54 -0.47
C GLY A 112 3.73 14.66 -0.10
N ARG A 113 3.23 15.88 0.07
CA ARG A 113 1.83 15.99 0.47
C ARG A 113 1.02 16.60 -0.65
N PHE A 114 1.04 17.94 -0.70
CA PHE A 114 0.62 18.68 -1.91
C PHE A 114 1.26 17.99 -3.14
N GLU A 115 0.50 17.93 -4.23
CA GLU A 115 0.87 17.22 -5.44
C GLU A 115 1.92 17.97 -6.27
N GLY A 116 3.16 17.46 -6.26
CA GLY A 116 4.30 18.13 -6.86
C GLY A 116 5.43 18.40 -5.85
N VAL A 117 6.64 17.99 -6.21
CA VAL A 117 7.82 18.27 -5.43
C VAL A 117 8.90 18.80 -6.35
N ASP A 118 9.50 19.93 -5.97
CA ASP A 118 10.51 20.58 -6.83
C ASP A 118 11.62 19.61 -7.29
N GLU A 119 11.65 19.38 -8.59
CA GLU A 119 12.59 18.46 -9.21
C GLU A 119 14.03 18.64 -8.77
N ARG A 120 14.40 19.87 -8.38
CA ARG A 120 15.80 20.16 -8.09
C ARG A 120 16.26 19.51 -6.79
N ILE A 121 15.33 19.44 -5.85
CA ILE A 121 15.62 18.76 -4.58
C ILE A 121 15.71 17.20 -4.78
N ILE A 122 14.94 16.67 -5.72
CA ILE A 122 15.00 15.24 -6.04
C ILE A 122 16.39 14.92 -6.62
N GLU A 123 16.87 15.81 -7.49
CA GLU A 123 18.20 15.63 -8.10
C GLU A 123 19.31 15.76 -7.07
N ALA A 124 19.25 16.84 -6.29
CA ALA A 124 20.33 17.30 -5.44
C ALA A 124 20.49 16.53 -4.15
N ARG A 125 19.43 15.89 -3.70
CA ARG A 125 19.58 15.09 -2.50
C ARG A 125 19.36 13.62 -2.86
N GLU A 126 19.36 13.33 -4.16
CA GLU A 126 19.19 11.95 -4.67
C GLU A 126 18.03 11.16 -4.03
N LEU A 127 16.87 11.80 -3.98
CA LEU A 127 15.64 11.14 -3.53
C LEU A 127 15.14 10.18 -4.57
N GLU A 128 15.03 8.92 -4.20
CA GLU A 128 14.45 7.90 -5.07
C GLU A 128 12.95 7.90 -4.87
N GLU A 129 12.22 8.10 -5.94
CA GLU A 129 10.75 8.11 -5.82
C GLU A 129 10.18 6.69 -5.76
N VAL A 130 9.20 6.50 -4.86
CA VAL A 130 8.56 5.21 -4.61
C VAL A 130 7.04 5.41 -4.47
N SER A 131 6.29 4.64 -5.23
CA SER A 131 4.85 4.56 -5.12
C SER A 131 4.44 3.18 -4.54
N ILE A 132 3.42 3.16 -3.70
CA ILE A 132 2.88 1.89 -3.19
C ILE A 132 1.80 1.30 -4.12
N GLY A 133 1.36 2.13 -5.07
CA GLY A 133 0.43 1.68 -6.12
C GLY A 133 -0.26 2.83 -6.81
N ASP A 134 -0.83 2.53 -7.96
CA ASP A 134 -1.46 3.47 -8.87
C ASP A 134 -2.82 3.95 -8.38
N TYR A 135 -2.80 4.64 -7.24
CA TYR A 135 -4.01 5.21 -6.64
C TYR A 135 -3.54 6.38 -5.79
N ILE A 136 -4.38 7.39 -5.65
CA ILE A 136 -3.97 8.61 -4.98
C ILE A 136 -4.36 8.56 -3.52
N LEU A 137 -3.39 8.93 -2.69
CA LEU A 137 -3.59 8.92 -1.27
C LEU A 137 -3.72 10.35 -0.78
N SER A 138 -3.98 10.52 0.52
CA SER A 138 -4.19 11.85 1.08
C SER A 138 -2.87 12.61 1.27
N GLY A 139 -1.78 11.86 1.35
CA GLY A 139 -0.45 12.39 1.59
C GLY A 139 0.53 11.23 1.54
N GLY A 140 1.83 11.54 1.57
CA GLY A 140 2.90 10.54 1.64
C GLY A 140 2.95 9.81 2.97
N GLU A 141 2.43 10.44 4.02
CA GLU A 141 2.31 9.74 5.31
C GLU A 141 1.73 8.32 5.13
N THR A 142 0.73 8.19 4.25
CA THR A 142 0.06 6.91 4.05
C THR A 142 1.02 5.94 3.41
N ALA A 143 1.74 6.43 2.39
CA ALA A 143 2.71 5.59 1.68
C ALA A 143 3.86 5.16 2.61
N ALA A 144 4.30 6.06 3.47
CA ALA A 144 5.44 5.81 4.37
C ALA A 144 5.16 4.73 5.38
N LEU A 145 4.01 4.82 6.03
CA LEU A 145 3.55 3.82 6.98
C LEU A 145 3.52 2.40 6.37
N VAL A 146 2.91 2.27 5.19
CA VAL A 146 2.88 0.99 4.45
C VAL A 146 4.27 0.46 4.18
N LEU A 147 5.15 1.39 3.76
CA LEU A 147 6.52 1.05 3.43
C LEU A 147 7.27 0.59 4.68
N LEU A 148 7.07 1.30 5.78
CA LEU A 148 7.63 0.88 7.04
C LEU A 148 7.07 -0.49 7.41
N ASP A 149 5.75 -0.62 7.40
CA ASP A 149 5.08 -1.88 7.76
C ASP A 149 5.74 -3.07 7.04
N ALA A 150 6.05 -2.90 5.76
CA ALA A 150 6.59 -3.99 4.98
C ALA A 150 8.06 -4.24 5.30
N ILE A 151 8.79 -3.21 5.74
CA ILE A 151 10.23 -3.35 6.03
C ILE A 151 10.46 -3.94 7.41
N VAL A 152 9.84 -3.33 8.41
CA VAL A 152 10.07 -3.67 9.81
C VAL A 152 9.91 -5.18 10.09
N ARG A 153 8.90 -5.81 9.47
CA ARG A 153 8.64 -7.23 9.66
C ARG A 153 9.73 -8.11 9.04
N LEU A 154 10.62 -7.50 8.26
CA LEU A 154 11.72 -8.25 7.65
C LEU A 154 13.04 -7.97 8.34
N LEU A 155 13.02 -7.08 9.32
CA LEU A 155 14.24 -6.77 10.06
C LEU A 155 14.79 -8.00 10.76
N PRO A 156 16.06 -8.31 10.50
CA PRO A 156 16.65 -9.56 10.97
C PRO A 156 16.93 -9.49 12.46
N GLY A 157 15.92 -9.01 13.19
CA GLY A 157 15.92 -9.04 14.64
C GLY A 157 14.59 -9.64 15.07
N VAL A 158 13.52 -9.28 14.35
CA VAL A 158 12.17 -9.74 14.68
C VAL A 158 12.10 -11.26 14.81
N MET A 159 11.21 -11.73 15.68
CA MET A 159 11.01 -13.18 15.90
C MET A 159 10.27 -13.80 14.72
N GLY A 160 10.39 -15.12 14.59
CA GLY A 160 9.84 -15.86 13.46
C GLY A 160 10.70 -15.62 12.22
N ASN A 161 11.17 -14.37 12.11
CA ASN A 161 11.89 -13.84 10.95
C ASN A 161 13.05 -14.70 10.42
N GLU A 162 13.74 -15.39 11.35
CA GLU A 162 14.97 -16.17 11.08
C GLU A 162 14.87 -17.22 9.98
N ILE A 163 13.78 -18.00 10.02
CA ILE A 163 13.59 -19.13 9.12
C ILE A 163 12.54 -18.85 8.04
N SER A 164 12.21 -17.58 7.87
CA SER A 164 11.18 -17.14 6.92
C SER A 164 11.53 -17.37 5.47
N ALA A 165 10.50 -17.68 4.69
CA ALA A 165 10.57 -17.73 3.25
C ALA A 165 11.19 -16.43 2.72
N LYS A 166 12.18 -16.55 1.85
CA LYS A 166 12.91 -15.41 1.31
C LYS A 166 12.23 -14.79 0.09
N CYS A 167 11.09 -15.36 -0.29
CA CYS A 167 10.50 -15.05 -1.59
C CYS A 167 9.00 -15.46 -1.53
N GLU A 168 8.13 -14.62 -2.08
CA GLU A 168 6.70 -14.86 -1.98
C GLU A 168 6.29 -15.51 -3.28
N SER A 169 5.16 -16.20 -3.29
CA SER A 169 4.77 -16.90 -4.52
C SER A 169 4.44 -15.95 -5.70
N PHE A 170 3.87 -14.77 -5.45
CA PHE A 170 3.64 -13.84 -6.56
C PHE A 170 4.93 -13.40 -7.29
N GLU A 171 6.07 -13.39 -6.58
CA GLU A 171 7.36 -13.12 -7.21
C GLU A 171 7.74 -14.24 -8.19
N ASN A 172 7.23 -15.45 -7.94
CA ASN A 172 7.34 -16.59 -8.87
C ASN A 172 6.30 -16.49 -9.99
N GLY A 173 5.33 -15.57 -9.85
CA GLY A 173 4.21 -15.42 -10.82
C GLY A 173 2.95 -16.23 -10.48
N LEU A 174 2.77 -16.57 -9.20
CA LEU A 174 1.54 -17.26 -8.78
C LEU A 174 0.95 -16.69 -7.50
N LEU A 175 -0.36 -16.53 -7.48
CA LEU A 175 -0.99 -16.26 -6.19
C LEU A 175 -0.88 -17.47 -5.25
N GLU A 176 -1.04 -17.24 -3.95
CA GLU A 176 -1.04 -18.33 -2.99
C GLU A 176 -2.22 -19.28 -3.26
N HIS A 177 -1.95 -20.58 -3.12
CA HIS A 177 -2.97 -21.65 -3.20
C HIS A 177 -4.09 -21.40 -2.21
N PRO A 178 -5.30 -21.94 -2.51
CA PRO A 178 -6.40 -21.76 -1.56
C PRO A 178 -6.10 -22.52 -0.25
N GLN A 179 -6.58 -21.98 0.86
CA GLN A 179 -6.38 -22.55 2.18
C GLN A 179 -7.66 -23.08 2.82
N TYR A 180 -7.50 -24.12 3.65
CA TYR A 180 -8.62 -24.75 4.37
C TYR A 180 -8.24 -25.04 5.81
N THR A 181 -9.17 -24.85 6.72
CA THR A 181 -9.00 -25.32 8.11
C THR A 181 -10.29 -25.95 8.70
N ARG A 182 -10.30 -26.26 9.99
CA ARG A 182 -11.55 -26.73 10.61
C ARG A 182 -12.66 -25.66 10.48
N PRO A 183 -13.95 -26.05 10.45
CA PRO A 183 -14.52 -27.40 10.62
C PRO A 183 -14.42 -28.21 9.34
N ALA A 184 -14.54 -29.53 9.48
CA ALA A 184 -14.49 -30.44 8.35
C ALA A 184 -15.46 -30.07 7.24
N VAL A 185 -16.68 -29.65 7.60
CA VAL A 185 -17.73 -29.33 6.61
C VAL A 185 -18.32 -27.95 6.91
N PHE A 186 -18.31 -27.05 5.93
CA PHE A 186 -18.94 -25.75 6.17
C PHE A 186 -20.00 -25.52 5.15
N GLU A 187 -21.24 -25.41 5.64
CA GLU A 187 -22.43 -25.19 4.81
C GLU A 187 -22.35 -26.04 3.58
N GLY A 188 -22.10 -27.32 3.79
CA GLY A 188 -22.13 -28.26 2.69
C GLY A 188 -20.81 -28.60 2.06
N ARG A 189 -19.83 -27.72 2.20
CA ARG A 189 -18.51 -27.87 1.50
C ARG A 189 -17.47 -28.57 2.38
N GLY A 190 -16.82 -29.58 1.83
CA GLY A 190 -15.75 -30.29 2.56
C GLY A 190 -14.38 -29.71 2.26
N ILE A 191 -13.38 -30.21 2.97
CA ILE A 191 -12.00 -29.85 2.68
C ILE A 191 -11.53 -30.83 1.62
N PRO A 192 -10.99 -30.33 0.48
CA PRO A 192 -10.54 -31.26 -0.57
C PRO A 192 -9.78 -32.45 0.05
N PRO A 193 -10.23 -33.70 -0.26
CA PRO A 193 -9.68 -34.89 0.42
C PRO A 193 -8.17 -35.09 0.25
N VAL A 194 -7.62 -34.66 -0.88
CA VAL A 194 -6.17 -34.78 -1.11
C VAL A 194 -5.36 -34.07 -0.01
N LEU A 195 -5.89 -32.97 0.50
CA LEU A 195 -5.26 -32.25 1.61
C LEU A 195 -5.20 -33.08 2.89
N THR A 196 -6.01 -34.14 2.97
CA THR A 196 -6.05 -35.00 4.15
C THR A 196 -5.36 -36.36 3.91
N SER A 197 -4.73 -36.53 2.74
CA SER A 197 -4.31 -37.83 2.24
C SER A 197 -2.92 -38.28 2.74
N GLY A 198 -2.19 -37.38 3.37
CA GLY A 198 -0.83 -37.67 3.83
C GLY A 198 0.17 -37.78 2.70
N HIS A 199 -0.29 -37.44 1.49
CA HIS A 199 0.53 -37.55 0.30
C HIS A 199 1.03 -36.15 -0.13
N HIS A 200 2.17 -35.78 0.41
CA HIS A 200 2.74 -34.45 0.22
C HIS A 200 2.94 -34.03 -1.22
N LYS A 201 3.53 -34.89 -2.04
CA LYS A 201 3.65 -34.55 -3.45
C LYS A 201 2.29 -34.27 -4.12
N ALA A 202 1.26 -35.05 -3.80
CA ALA A 202 -0.07 -34.88 -4.38
C ALA A 202 -0.70 -33.54 -3.95
N ILE A 203 -0.60 -33.24 -2.66
CA ILE A 203 -0.97 -31.94 -2.11
C ILE A 203 -0.33 -30.77 -2.90
N ALA A 204 0.99 -30.82 -3.07
CA ALA A 204 1.73 -29.74 -3.71
C ALA A 204 1.32 -29.55 -5.17
N ASN A 205 1.14 -30.65 -5.92
CA ASN A 205 0.66 -30.56 -7.31
C ASN A 205 -0.72 -29.91 -7.37
N TRP A 206 -1.65 -30.42 -6.56
CA TRP A 206 -3.02 -29.93 -6.54
C TRP A 206 -3.06 -28.46 -6.13
N ARG A 207 -2.35 -28.12 -5.06
CA ARG A 207 -2.23 -26.76 -4.62
C ARG A 207 -1.74 -25.85 -5.73
N GLN A 208 -0.79 -26.36 -6.51
CA GLN A 208 -0.21 -25.63 -7.63
C GLN A 208 -1.20 -25.39 -8.78
N GLN A 209 -1.93 -26.45 -9.15
CA GLN A 209 -2.95 -26.37 -10.20
C GLN A 209 -3.99 -25.30 -9.82
N GLN A 210 -4.42 -25.34 -8.55
CA GLN A 210 -5.38 -24.36 -8.01
C GLN A 210 -4.82 -22.97 -8.12
N ALA A 211 -3.55 -22.82 -7.76
CA ALA A 211 -2.85 -21.55 -7.84
C ALA A 211 -2.71 -21.06 -9.30
N GLU A 212 -2.35 -21.96 -10.20
CA GLU A 212 -2.22 -21.61 -11.63
C GLU A 212 -3.51 -21.05 -12.19
N SER A 213 -4.60 -21.72 -11.84
CA SER A 213 -5.89 -21.44 -12.40
C SER A 213 -6.49 -20.14 -11.84
N LEU A 214 -6.25 -19.86 -10.56
CA LEU A 214 -6.58 -18.56 -9.98
C LEU A 214 -5.77 -17.41 -10.59
N THR A 215 -4.44 -17.55 -10.62
CA THR A 215 -3.59 -16.53 -11.19
C THR A 215 -3.91 -16.26 -12.65
N ARG A 216 -4.05 -17.32 -13.46
CA ARG A 216 -4.41 -17.17 -14.87
C ARG A 216 -5.61 -16.21 -15.06
N GLN A 217 -6.64 -16.36 -14.23
CA GLN A 217 -7.85 -15.53 -14.36
C GLN A 217 -7.74 -14.19 -13.66
N ARG A 218 -7.17 -14.14 -12.46
CA ARG A 218 -7.15 -12.89 -11.70
C ARG A 218 -5.98 -11.96 -12.01
N ARG A 219 -4.81 -12.51 -12.31
CA ARG A 219 -3.62 -11.70 -12.60
C ARG A 219 -2.91 -12.22 -13.84
N PRO A 220 -3.45 -11.90 -15.03
CA PRO A 220 -2.71 -12.30 -16.23
C PRO A 220 -1.27 -11.77 -16.26
N ASP A 221 -1.03 -10.60 -15.63
CA ASP A 221 0.31 -9.99 -15.53
C ASP A 221 1.30 -10.85 -14.73
N LEU A 222 0.85 -11.43 -13.62
CA LEU A 222 1.68 -12.34 -12.86
C LEU A 222 1.87 -13.62 -13.64
N TYR A 223 0.82 -14.09 -14.31
CA TYR A 223 0.90 -15.35 -15.10
C TYR A 223 1.88 -15.27 -16.26
N ALA A 224 1.94 -14.11 -16.92
CA ALA A 224 2.93 -13.91 -17.99
C ALA A 224 4.36 -14.13 -17.45
N LEU A 225 4.59 -13.67 -16.21
CA LEU A 225 5.87 -13.82 -15.51
C LEU A 225 6.10 -15.28 -15.16
N TYR A 226 5.02 -15.94 -14.75
CA TYR A 226 5.05 -17.35 -14.43
C TYR A 226 5.47 -18.14 -15.66
N ASN A 227 4.85 -17.81 -16.79
CA ASN A 227 5.24 -18.45 -18.05
C ASN A 227 6.68 -18.21 -18.45
N LYS A 228 7.18 -16.99 -18.26
CA LYS A 228 8.57 -16.73 -18.59
C LYS A 228 9.47 -17.63 -17.74
N ASN A 229 9.16 -17.75 -16.45
CA ASN A 229 10.08 -18.44 -15.52
C ASN A 229 10.30 -19.88 -15.87
N ARG A 230 9.22 -20.62 -16.05
CA ARG A 230 9.37 -22.03 -16.38
C ARG A 230 9.84 -22.31 -17.82
N GLN A 231 10.40 -21.29 -18.47
CA GLN A 231 10.99 -21.44 -19.82
C GLN A 231 12.47 -21.06 -19.84
N LYS B 3 -24.06 10.24 4.40
CA LYS B 3 -23.05 9.38 5.09
C LYS B 3 -22.27 8.52 4.07
N PHE B 4 -21.06 8.13 4.47
CA PHE B 4 -20.39 6.99 3.87
C PHE B 4 -20.03 6.04 5.02
N GLN B 5 -20.63 4.86 5.02
CA GLN B 5 -20.48 3.89 6.14
C GLN B 5 -19.30 2.92 5.94
N ALA B 6 -18.22 3.13 6.67
CA ALA B 6 -17.14 2.14 6.63
C ALA B 6 -17.30 1.18 7.80
N ARG B 7 -17.32 -0.11 7.46
CA ARG B 7 -17.33 -1.19 8.45
C ARG B 7 -16.06 -2.02 8.24
N VAL B 8 -15.27 -2.19 9.31
CA VAL B 8 -14.05 -2.99 9.23
C VAL B 8 -14.06 -4.17 10.21
N LEU B 9 -14.00 -5.39 9.67
CA LEU B 9 -13.88 -6.61 10.49
C LEU B 9 -12.42 -6.87 10.79
N THR B 10 -12.08 -6.80 12.07
CA THR B 10 -10.68 -6.87 12.46
C THR B 10 -10.43 -7.51 13.82
N LEU B 11 -9.22 -8.05 13.97
CA LEU B 11 -8.72 -8.48 15.26
C LEU B 11 -8.13 -7.34 16.10
N TYR B 12 -7.96 -6.17 15.48
CA TYR B 12 -7.34 -5.02 16.14
C TYR B 12 -8.15 -3.75 15.90
N PRO B 13 -9.34 -3.63 16.54
CA PRO B 13 -10.20 -2.48 16.34
C PRO B 13 -9.55 -1.16 16.79
N GLU B 14 -8.51 -1.26 17.63
CA GLU B 14 -7.82 -0.08 18.14
C GLU B 14 -6.87 0.59 17.11
N MET B 15 -6.74 -0.02 15.91
CA MET B 15 -5.94 0.58 14.83
C MET B 15 -6.78 1.59 14.04
N PHE B 16 -8.08 1.59 14.30
CA PHE B 16 -9.02 2.45 13.60
C PHE B 16 -9.58 3.51 14.55
N PRO B 17 -9.74 4.76 14.07
CA PRO B 17 -9.43 5.19 12.69
C PRO B 17 -7.93 5.44 12.36
N GLY B 18 -7.03 5.32 13.35
CA GLY B 18 -5.61 5.58 13.12
C GLY B 18 -5.37 6.94 12.50
N PHE B 19 -4.47 7.02 11.52
CA PHE B 19 -4.13 8.29 10.85
C PHE B 19 -5.33 8.97 10.17
N LEU B 20 -6.44 8.25 10.03
CA LEU B 20 -7.64 8.85 9.47
C LEU B 20 -8.46 9.62 10.54
N GLY B 21 -7.92 9.68 11.75
CA GLY B 21 -8.44 10.55 12.81
C GLY B 21 -7.81 11.94 12.68
N CYS B 22 -6.76 12.04 11.87
CA CYS B 22 -5.97 13.26 11.72
C CYS B 22 -6.35 14.04 10.45
N SER B 23 -5.83 15.26 10.33
CA SER B 23 -5.96 16.07 9.12
C SER B 23 -7.42 16.22 8.60
N LEU B 24 -7.55 16.31 7.28
CA LEU B 24 -8.85 16.45 6.62
C LEU B 24 -9.78 15.22 6.79
N ALA B 25 -9.22 14.02 6.67
CA ALA B 25 -9.98 12.79 6.95
C ALA B 25 -10.58 12.78 8.37
N GLY B 26 -9.76 13.10 9.37
CA GLY B 26 -10.26 13.25 10.75
C GLY B 26 -11.44 14.21 10.87
N GLN B 27 -11.33 15.38 10.23
CA GLN B 27 -12.36 16.41 10.31
C GLN B 27 -13.65 15.93 9.69
N ALA B 28 -13.56 15.31 8.52
CA ALA B 28 -14.73 14.74 7.83
C ALA B 28 -15.45 13.71 8.69
N LEU B 29 -14.68 12.96 9.46
CA LEU B 29 -15.22 11.99 10.38
C LEU B 29 -15.92 12.70 11.53
N LYS B 30 -15.23 13.61 12.24
CA LYS B 30 -15.84 14.43 13.29
C LYS B 30 -17.14 15.12 12.84
N GLN B 31 -17.22 15.48 11.55
CA GLN B 31 -18.43 16.09 11.00
C GLN B 31 -19.43 15.10 10.40
N GLY B 32 -19.17 13.80 10.52
CA GLY B 32 -20.09 12.81 9.99
C GLY B 32 -20.23 12.74 8.48
N ILE B 33 -19.22 13.17 7.73
CA ILE B 33 -19.22 12.99 6.26
C ILE B 33 -19.07 11.49 5.94
N TRP B 34 -18.34 10.79 6.82
CA TRP B 34 -18.22 9.34 6.81
C TRP B 34 -18.16 8.81 8.24
N SER B 35 -18.60 7.57 8.42
CA SER B 35 -18.49 6.94 9.72
C SER B 35 -17.65 5.69 9.61
N LEU B 36 -17.10 5.30 10.75
CA LEU B 36 -16.34 4.09 10.82
C LEU B 36 -16.82 3.20 11.96
N GLU B 37 -17.31 2.00 11.61
CA GLU B 37 -17.62 0.95 12.56
C GLU B 37 -16.59 -0.20 12.48
N THR B 38 -16.00 -0.55 13.62
CA THR B 38 -15.18 -1.75 13.73
C THR B 38 -16.01 -2.90 14.30
N VAL B 39 -15.64 -4.12 13.92
CA VAL B 39 -16.27 -5.33 14.45
C VAL B 39 -15.15 -6.30 14.83
N GLN B 40 -15.10 -6.62 16.10
CA GLN B 40 -14.08 -7.50 16.65
C GLN B 40 -14.41 -8.96 16.31
N ILE B 41 -13.65 -9.53 15.36
CA ILE B 41 -13.78 -10.93 14.98
C ILE B 41 -13.70 -11.90 16.17
N ARG B 42 -12.85 -11.61 17.15
CA ARG B 42 -12.64 -12.55 18.27
C ARG B 42 -13.91 -12.76 19.09
N ASP B 43 -14.83 -11.82 19.07
CA ASP B 43 -16.13 -11.99 19.71
C ASP B 43 -16.99 -13.11 19.07
N PHE B 44 -16.58 -13.64 17.92
CA PHE B 44 -17.44 -14.61 17.23
C PHE B 44 -17.01 -16.07 17.35
N ALA B 45 -15.83 -16.26 17.95
CA ALA B 45 -15.39 -17.56 18.43
C ALA B 45 -16.27 -18.02 19.60
N LEU B 46 -17.08 -19.06 19.41
CA LEU B 46 -18.02 -19.53 20.44
C LEU B 46 -17.33 -20.02 21.70
N SER B 51 -9.33 -20.07 19.07
CA SER B 51 -10.20 -18.95 18.78
C SER B 51 -10.44 -18.73 17.28
N VAL B 52 -9.80 -17.74 16.66
CA VAL B 52 -10.26 -17.23 15.34
C VAL B 52 -9.65 -17.96 14.16
N ASP B 53 -8.48 -18.53 14.39
CA ASP B 53 -7.74 -19.14 13.34
C ASP B 53 -7.31 -20.51 13.80
N ASP B 54 -6.95 -21.34 12.83
CA ASP B 54 -6.56 -22.69 13.13
C ASP B 54 -5.51 -23.20 12.16
N THR B 55 -4.97 -24.38 12.47
CA THR B 55 -4.05 -25.16 11.60
C THR B 55 -4.50 -25.44 10.16
N PRO B 56 -3.62 -25.17 9.19
CA PRO B 56 -3.95 -25.44 7.78
C PRO B 56 -4.01 -26.92 7.45
N ALA B 57 -5.11 -27.34 6.86
CA ALA B 57 -5.20 -28.71 6.36
C ALA B 57 -4.17 -28.87 5.27
N GLY B 58 -3.44 -29.99 5.34
CA GLY B 58 -2.39 -30.35 4.40
C GLY B 58 -1.05 -29.70 4.72
N GLY B 59 -0.97 -29.04 5.88
CA GLY B 59 0.23 -28.28 6.27
C GLY B 59 0.39 -26.93 5.58
N GLY B 60 1.14 -26.04 6.24
CA GLY B 60 1.49 -24.75 5.66
C GLY B 60 2.31 -23.87 6.59
N ALA B 61 2.45 -22.60 6.24
CA ALA B 61 3.40 -21.74 6.95
C ALA B 61 2.81 -21.05 8.18
N GLY B 62 1.49 -20.91 8.23
CA GLY B 62 0.87 -20.15 9.32
C GLY B 62 -0.56 -20.56 9.60
N MET B 63 -1.36 -19.66 10.13
CA MET B 63 -2.67 -20.07 10.58
C MET B 63 -3.71 -19.65 9.55
N VAL B 64 -4.82 -20.39 9.48
CA VAL B 64 -5.88 -20.05 8.53
C VAL B 64 -7.08 -19.56 9.34
N MET B 65 -7.68 -18.47 8.88
CA MET B 65 -8.91 -17.92 9.45
C MET B 65 -10.11 -18.87 9.19
N ARG B 66 -10.74 -19.30 10.29
CA ARG B 66 -11.89 -20.23 10.22
C ARG B 66 -13.13 -19.67 9.54
N ALA B 67 -13.69 -20.46 8.62
CA ALA B 67 -14.94 -20.13 7.93
C ALA B 67 -16.10 -19.87 8.89
N ASP B 68 -16.21 -20.69 9.94
CA ASP B 68 -17.33 -20.52 10.87
C ASP B 68 -17.30 -19.23 11.69
N VAL B 69 -16.14 -18.89 12.27
CA VAL B 69 -15.98 -17.65 13.03
C VAL B 69 -16.24 -16.40 12.20
N LEU B 70 -15.76 -16.42 10.97
CA LEU B 70 -15.82 -15.27 10.14
C LEU B 70 -17.25 -15.08 9.65
N ALA B 71 -17.89 -16.19 9.27
CA ALA B 71 -19.32 -16.23 8.90
C ALA B 71 -20.21 -15.64 9.98
N ALA B 72 -19.96 -15.97 11.24
CA ALA B 72 -20.79 -15.50 12.33
C ALA B 72 -20.59 -14.00 12.45
N ALA B 73 -19.36 -13.53 12.20
CA ALA B 73 -19.03 -12.11 12.29
C ALA B 73 -19.68 -11.30 11.18
N LEU B 74 -19.64 -11.84 9.97
CA LEU B 74 -20.28 -11.22 8.82
C LEU B 74 -21.78 -11.21 9.02
N ASP B 75 -22.30 -12.31 9.55
CA ASP B 75 -23.74 -12.48 9.65
C ASP B 75 -24.34 -11.66 10.76
N SER B 76 -23.51 -11.09 11.62
CA SER B 76 -24.03 -10.18 12.62
C SER B 76 -24.23 -8.80 12.02
N CYS B 77 -23.70 -8.59 10.81
CA CYS B 77 -23.74 -7.32 10.11
C CYS B 77 -24.78 -7.31 9.00
N PRO B 78 -25.45 -6.17 8.79
CA PRO B 78 -26.30 -6.04 7.61
C PRO B 78 -25.48 -6.15 6.32
N ASN B 79 -26.03 -6.78 5.29
CA ASN B 79 -25.37 -6.85 4.00
C ASN B 79 -25.57 -5.57 3.13
N ASP B 80 -25.05 -4.45 3.62
CA ASP B 80 -25.33 -3.13 3.04
C ASP B 80 -24.25 -2.57 2.11
N SER B 81 -23.20 -3.35 1.81
CA SER B 81 -22.07 -2.82 1.03
C SER B 81 -21.15 -3.94 0.56
N PRO B 82 -20.33 -3.69 -0.49
CA PRO B 82 -19.57 -4.84 -1.01
C PRO B 82 -18.62 -5.35 0.05
N ARG B 83 -18.37 -6.65 0.07
CA ARG B 83 -17.57 -7.22 1.15
C ARG B 83 -16.20 -7.55 0.62
N LEU B 84 -15.20 -6.85 1.16
CA LEU B 84 -13.86 -6.90 0.57
C LEU B 84 -12.84 -7.52 1.53
N LEU B 85 -12.17 -8.57 1.05
CA LEU B 85 -11.19 -9.24 1.87
C LEU B 85 -9.80 -8.75 1.52
N MET B 86 -9.17 -8.09 2.47
CA MET B 86 -7.79 -7.61 2.33
C MET B 86 -6.86 -8.83 2.23
N SER B 87 -6.18 -8.96 1.08
CA SER B 87 -5.49 -10.17 0.67
C SER B 87 -4.44 -9.93 -0.41
N PRO B 88 -3.28 -10.62 -0.31
CA PRO B 88 -2.24 -10.70 -1.36
C PRO B 88 -2.72 -11.35 -2.65
N ARG B 89 -3.88 -12.01 -2.60
CA ARG B 89 -4.47 -12.66 -3.78
C ARG B 89 -5.48 -11.78 -4.50
N GLY B 90 -5.79 -10.61 -3.96
CA GLY B 90 -6.84 -9.78 -4.55
C GLY B 90 -6.54 -9.20 -5.91
N ARG B 91 -7.58 -8.70 -6.58
CA ARG B 91 -7.38 -7.75 -7.67
C ARG B 91 -6.64 -6.52 -7.08
N LEU B 92 -5.87 -5.82 -7.92
CA LEU B 92 -5.10 -4.70 -7.42
C LEU B 92 -5.97 -3.49 -7.26
N LEU B 93 -5.76 -2.76 -6.17
CA LEU B 93 -6.39 -1.48 -6.02
C LEU B 93 -5.87 -0.55 -7.11
N ASN B 94 -6.77 0.17 -7.75
CA ASN B 94 -6.40 1.25 -8.69
C ASN B 94 -7.32 2.46 -8.47
N GLN B 95 -7.08 3.56 -9.17
CA GLN B 95 -7.87 4.77 -8.90
C GLN B 95 -9.31 4.64 -9.41
N ALA B 96 -9.49 4.00 -10.57
CA ALA B 96 -10.81 3.76 -11.10
C ALA B 96 -11.68 3.11 -10.01
N TYR B 97 -11.09 2.16 -9.31
CA TYR B 97 -11.82 1.40 -8.30
C TYR B 97 -12.06 2.25 -7.05
N ALA B 98 -11.08 3.06 -6.66
CA ALA B 98 -11.32 3.96 -5.51
C ALA B 98 -12.49 4.90 -5.84
N ARG B 99 -12.55 5.35 -7.09
CA ARG B 99 -13.58 6.32 -7.49
C ARG B 99 -14.91 5.62 -7.46
N SER B 100 -14.90 4.42 -8.03
CA SER B 100 -16.08 3.57 -7.99
C SER B 100 -16.61 3.35 -6.56
N LEU B 101 -15.72 3.25 -5.58
CA LEU B 101 -16.12 2.93 -4.22
C LEU B 101 -16.55 4.13 -3.43
N ALA B 102 -15.95 5.28 -3.74
CA ALA B 102 -16.33 6.55 -3.11
C ALA B 102 -17.73 7.04 -3.49
N ARG B 103 -18.28 6.44 -4.54
CA ARG B 103 -19.66 6.70 -5.00
C ARG B 103 -20.74 5.89 -4.24
N SER B 104 -20.36 4.78 -3.61
CA SER B 104 -21.24 4.00 -2.76
C SER B 104 -21.75 4.80 -1.58
N SER B 105 -22.66 4.13 -0.87
CA SER B 105 -23.05 4.48 0.47
C SER B 105 -22.14 3.85 1.55
N GLY B 106 -21.27 2.92 1.14
CA GLY B 106 -20.39 2.30 2.14
C GLY B 106 -19.53 1.17 1.64
N VAL B 107 -18.73 0.60 2.53
CA VAL B 107 -17.83 -0.50 2.20
C VAL B 107 -17.66 -1.38 3.41
N THR B 108 -17.55 -2.69 3.19
CA THR B 108 -17.25 -3.60 4.29
C THR B 108 -15.88 -4.27 4.08
N LEU B 109 -14.98 -4.06 5.03
CA LEU B 109 -13.61 -4.59 4.90
C LEU B 109 -13.32 -5.69 5.90
N VAL B 110 -12.90 -6.83 5.37
CA VAL B 110 -12.44 -7.92 6.25
C VAL B 110 -10.90 -7.99 6.29
N CYS B 111 -10.36 -7.98 7.51
CA CYS B 111 -8.92 -8.00 7.68
C CYS B 111 -8.47 -9.32 8.22
N GLY B 112 -7.87 -10.13 7.34
CA GLY B 112 -7.08 -11.29 7.78
C GLY B 112 -5.74 -10.85 8.35
N ARG B 113 -5.23 -11.60 9.33
CA ARG B 113 -3.91 -11.30 9.88
C ARG B 113 -2.89 -12.40 9.53
N PHE B 114 -3.41 -13.59 9.22
CA PHE B 114 -2.57 -14.79 9.12
C PHE B 114 -2.08 -15.10 7.68
N GLU B 115 -1.79 -16.36 7.41
CA GLU B 115 -1.39 -16.76 6.08
C GLU B 115 -2.58 -17.19 5.24
N GLY B 116 -3.75 -16.60 5.44
CA GLY B 116 -4.92 -16.97 4.63
C GLY B 116 -6.28 -17.11 5.29
N VAL B 117 -7.31 -17.22 4.46
CA VAL B 117 -8.69 -17.31 4.90
C VAL B 117 -9.36 -18.51 4.23
N ASP B 118 -10.16 -19.26 4.99
CA ASP B 118 -10.77 -20.49 4.51
C ASP B 118 -11.55 -20.23 3.25
N GLU B 119 -11.09 -20.87 2.20
CA GLU B 119 -11.64 -20.73 0.87
C GLU B 119 -13.16 -20.87 0.78
N ARG B 120 -13.73 -21.74 1.60
CA ARG B 120 -15.16 -21.97 1.55
C ARG B 120 -15.96 -20.73 1.96
N ILE B 121 -15.45 -19.93 2.91
CA ILE B 121 -16.13 -18.70 3.24
C ILE B 121 -15.97 -17.55 2.21
N ILE B 122 -14.83 -17.52 1.51
CA ILE B 122 -14.69 -16.61 0.40
C ILE B 122 -15.85 -16.86 -0.59
N GLU B 123 -16.04 -18.12 -0.98
CA GLU B 123 -17.12 -18.48 -1.88
C GLU B 123 -18.50 -18.15 -1.29
N ALA B 124 -18.80 -18.71 -0.12
CA ALA B 124 -20.14 -18.69 0.50
C ALA B 124 -20.66 -17.31 0.93
N ARG B 125 -19.78 -16.35 1.16
CA ARG B 125 -20.21 -15.00 1.50
C ARG B 125 -19.74 -13.96 0.48
N GLU B 126 -19.40 -14.44 -0.72
CA GLU B 126 -18.97 -13.56 -1.80
C GLU B 126 -17.98 -12.47 -1.38
N LEU B 127 -16.90 -12.87 -0.73
CA LEU B 127 -15.83 -11.93 -0.39
C LEU B 127 -14.99 -11.67 -1.66
N GLU B 128 -14.83 -10.39 -2.01
CA GLU B 128 -13.99 -9.98 -3.12
C GLU B 128 -12.62 -9.70 -2.52
N GLU B 129 -11.61 -10.43 -2.95
CA GLU B 129 -10.26 -10.21 -2.48
C GLU B 129 -9.62 -8.98 -3.14
N VAL B 130 -8.99 -8.14 -2.31
CA VAL B 130 -8.34 -6.92 -2.78
C VAL B 130 -6.92 -6.76 -2.24
N SER B 131 -5.95 -6.63 -3.16
CA SER B 131 -4.56 -6.26 -2.80
C SER B 131 -4.22 -4.79 -3.11
N ILE B 132 -3.45 -4.17 -2.22
CA ILE B 132 -2.96 -2.83 -2.49
C ILE B 132 -1.62 -2.86 -3.24
N GLY B 133 -1.08 -4.05 -3.47
CA GLY B 133 0.16 -4.22 -4.21
C GLY B 133 0.91 -5.48 -3.80
N ASP B 134 1.89 -5.87 -4.59
CA ASP B 134 2.60 -7.13 -4.39
C ASP B 134 3.71 -7.02 -3.34
N TYR B 135 3.32 -6.80 -2.09
CA TYR B 135 4.25 -6.81 -0.96
C TYR B 135 3.51 -7.33 0.24
N ILE B 136 4.24 -7.88 1.21
CA ILE B 136 3.57 -8.36 2.41
C ILE B 136 3.58 -7.35 3.54
N LEU B 137 2.41 -7.22 4.18
CA LEU B 137 2.19 -6.32 5.33
C LEU B 137 1.92 -7.13 6.60
N SER B 138 2.00 -6.50 7.76
CA SER B 138 1.82 -7.23 9.03
C SER B 138 0.41 -7.81 9.24
N GLY B 139 -0.60 -7.28 8.54
CA GLY B 139 -1.99 -7.76 8.66
C GLY B 139 -2.84 -7.00 7.67
N GLY B 140 -4.10 -7.40 7.53
CA GLY B 140 -5.03 -6.76 6.59
C GLY B 140 -5.34 -5.32 6.97
N GLU B 141 -5.15 -4.99 8.25
CA GLU B 141 -5.46 -3.65 8.72
C GLU B 141 -4.71 -2.57 7.94
N THR B 142 -3.42 -2.85 7.65
CA THR B 142 -2.60 -1.90 6.94
C THR B 142 -3.28 -1.56 5.61
N ALA B 143 -3.65 -2.60 4.86
CA ALA B 143 -4.31 -2.41 3.59
C ALA B 143 -5.69 -1.76 3.73
N ALA B 144 -6.38 -2.01 4.85
CA ALA B 144 -7.71 -1.44 5.04
C ALA B 144 -7.63 0.09 5.15
N LEU B 145 -6.72 0.55 6.00
CA LEU B 145 -6.43 1.97 6.15
C LEU B 145 -6.12 2.64 4.81
N VAL B 146 -5.33 1.96 3.99
CA VAL B 146 -4.97 2.53 2.69
C VAL B 146 -6.18 2.61 1.74
N LEU B 147 -6.98 1.56 1.70
CA LEU B 147 -8.14 1.57 0.86
C LEU B 147 -9.05 2.70 1.31
N LEU B 148 -9.27 2.83 2.63
CA LEU B 148 -10.12 3.90 3.16
C LEU B 148 -9.58 5.30 2.84
N ASP B 149 -8.28 5.48 3.04
CA ASP B 149 -7.54 6.71 2.68
C ASP B 149 -7.88 7.12 1.24
N ALA B 150 -7.75 6.20 0.29
CA ALA B 150 -8.03 6.49 -1.14
C ALA B 150 -9.50 6.73 -1.42
N ILE B 151 -10.37 6.30 -0.52
CA ILE B 151 -11.79 6.52 -0.70
C ILE B 151 -12.21 7.84 -0.06
N VAL B 152 -11.98 7.98 1.24
CA VAL B 152 -12.49 9.09 2.01
C VAL B 152 -12.12 10.39 1.32
N ARG B 153 -10.89 10.39 0.82
CA ARG B 153 -10.32 11.49 0.05
C ARG B 153 -11.22 11.98 -1.09
N LEU B 154 -11.92 11.06 -1.75
CA LEU B 154 -12.76 11.39 -2.89
C LEU B 154 -14.21 11.73 -2.51
N LEU B 155 -14.48 11.86 -1.21
CA LEU B 155 -15.83 12.17 -0.76
C LEU B 155 -16.14 13.67 -0.86
N PRO B 156 -17.37 14.02 -1.31
CA PRO B 156 -17.78 15.44 -1.26
C PRO B 156 -17.58 15.99 0.18
N GLY B 157 -16.69 16.98 0.31
CA GLY B 157 -16.14 17.45 1.59
C GLY B 157 -14.99 16.58 2.13
N LYS B 166 -9.45 14.04 -11.09
CA LYS B 166 -10.66 13.68 -11.81
C LYS B 166 -10.46 12.55 -12.82
N CYS B 167 -9.20 12.41 -13.23
CA CYS B 167 -8.69 11.25 -13.95
C CYS B 167 -7.18 11.45 -13.83
N GLU B 168 -6.46 10.43 -13.38
CA GLU B 168 -5.05 10.61 -13.10
C GLU B 168 -4.22 10.43 -14.36
N SER B 169 -3.10 11.15 -14.47
CA SER B 169 -2.24 10.99 -15.63
C SER B 169 -1.74 9.54 -15.83
N PHE B 170 -1.46 8.82 -14.73
CA PHE B 170 -1.06 7.39 -14.84
C PHE B 170 -2.15 6.48 -15.42
N GLU B 171 -3.42 6.89 -15.27
CA GLU B 171 -4.54 6.13 -15.87
C GLU B 171 -4.49 6.28 -17.38
N ASN B 172 -3.78 7.29 -17.87
CA ASN B 172 -3.52 7.49 -19.31
C ASN B 172 -2.23 6.82 -19.78
N GLY B 173 -1.45 6.23 -18.87
CA GLY B 173 -0.18 5.61 -19.23
C GLY B 173 1.06 6.48 -19.01
N LEU B 174 0.89 7.61 -18.30
CA LEU B 174 1.95 8.60 -18.15
C LEU B 174 2.15 9.13 -16.75
N LEU B 175 3.39 9.16 -16.30
CA LEU B 175 3.72 9.79 -15.04
C LEU B 175 3.66 11.30 -15.24
N GLU B 176 3.61 12.05 -14.13
CA GLU B 176 3.56 13.52 -14.18
C GLU B 176 4.90 14.12 -14.60
N HIS B 177 4.85 15.21 -15.35
CA HIS B 177 6.08 15.93 -15.73
C HIS B 177 6.75 16.49 -14.49
N PRO B 178 8.05 16.78 -14.58
CA PRO B 178 8.77 17.36 -13.47
C PRO B 178 8.18 18.69 -13.08
N GLN B 179 8.32 19.07 -11.82
CA GLN B 179 7.62 20.20 -11.30
C GLN B 179 8.59 21.13 -10.54
N TYR B 180 8.40 22.44 -10.68
CA TYR B 180 9.27 23.47 -10.09
C TYR B 180 8.48 24.61 -9.47
N THR B 181 9.02 25.17 -8.39
CA THR B 181 8.50 26.41 -7.85
C THR B 181 9.70 27.22 -7.35
N ARG B 182 9.47 28.32 -6.68
CA ARG B 182 10.58 29.08 -6.15
C ARG B 182 11.32 28.37 -5.01
N PRO B 183 12.59 28.77 -4.75
CA PRO B 183 13.33 29.88 -5.36
C PRO B 183 13.79 29.62 -6.79
N ALA B 184 13.98 30.69 -7.55
CA ALA B 184 14.37 30.62 -8.98
C ALA B 184 15.70 29.91 -9.23
N VAL B 185 16.56 29.92 -8.21
CA VAL B 185 17.87 29.24 -8.20
C VAL B 185 18.11 28.63 -6.80
N PHE B 186 18.32 27.32 -6.80
CA PHE B 186 18.64 26.57 -5.60
C PHE B 186 19.95 25.81 -5.88
N GLU B 187 20.97 26.09 -5.08
CA GLU B 187 22.28 25.44 -5.22
C GLU B 187 22.72 25.42 -6.68
N GLY B 188 22.69 26.58 -7.33
CA GLY B 188 23.17 26.68 -8.72
C GLY B 188 22.25 26.03 -9.73
N ARG B 189 21.14 25.47 -9.27
CA ARG B 189 20.17 24.89 -10.20
C ARG B 189 18.98 25.83 -10.38
N GLY B 190 18.70 26.18 -11.62
CA GLY B 190 17.62 27.11 -11.95
C GLY B 190 16.41 26.40 -12.52
N ILE B 191 15.24 26.99 -12.37
CA ILE B 191 14.03 26.44 -12.97
C ILE B 191 14.26 26.43 -14.46
N PRO B 192 14.02 25.29 -15.12
CA PRO B 192 14.22 25.31 -16.58
C PRO B 192 13.50 26.48 -17.24
N PRO B 193 14.26 27.30 -18.01
CA PRO B 193 13.81 28.56 -18.63
C PRO B 193 12.64 28.48 -19.63
N VAL B 194 12.43 27.33 -20.27
CA VAL B 194 11.25 27.13 -21.12
C VAL B 194 9.95 27.31 -20.32
N LEU B 195 9.99 26.96 -19.04
CA LEU B 195 8.81 27.04 -18.19
C LEU B 195 8.45 28.46 -17.84
N THR B 196 9.42 29.38 -17.94
CA THR B 196 9.16 30.76 -17.60
C THR B 196 9.07 31.62 -18.87
N SER B 197 8.93 30.95 -20.02
CA SER B 197 8.92 31.62 -21.29
C SER B 197 7.56 32.18 -21.71
N GLY B 198 6.48 31.63 -21.18
CA GLY B 198 5.15 32.04 -21.60
C GLY B 198 4.80 31.46 -22.95
N HIS B 199 5.72 30.68 -23.51
CA HIS B 199 5.50 30.03 -24.79
C HIS B 199 4.79 28.69 -24.52
N HIS B 200 3.46 28.75 -24.48
CA HIS B 200 2.62 27.62 -24.04
C HIS B 200 2.90 26.30 -24.73
N LYS B 201 3.04 26.37 -26.06
CA LYS B 201 3.28 25.21 -26.91
C LYS B 201 4.62 24.54 -26.56
N ALA B 202 5.66 25.34 -26.45
CA ALA B 202 6.96 24.82 -26.05
C ALA B 202 6.90 24.18 -24.67
N ILE B 203 6.23 24.86 -23.73
CA ILE B 203 6.01 24.34 -22.38
C ILE B 203 5.34 22.94 -22.43
N ALA B 204 4.25 22.79 -23.16
CA ALA B 204 3.53 21.51 -23.23
C ALA B 204 4.32 20.38 -23.91
N ASN B 205 4.94 20.71 -25.04
CA ASN B 205 5.93 19.83 -25.64
C ASN B 205 6.98 19.36 -24.62
N TRP B 206 7.69 20.31 -24.00
CA TRP B 206 8.70 19.98 -23.01
C TRP B 206 8.18 19.02 -21.93
N ARG B 207 6.99 19.33 -21.42
CA ARG B 207 6.36 18.56 -20.38
C ARG B 207 6.04 17.14 -20.85
N GLN B 208 5.62 17.05 -22.11
CA GLN B 208 5.28 15.76 -22.71
C GLN B 208 6.51 14.87 -22.86
N GLN B 209 7.64 15.45 -23.27
CA GLN B 209 8.83 14.64 -23.56
C GLN B 209 9.44 14.15 -22.25
N GLN B 210 9.40 15.01 -21.23
CA GLN B 210 9.90 14.63 -19.93
C GLN B 210 9.07 13.50 -19.34
N ALA B 211 7.76 13.62 -19.47
CA ALA B 211 6.87 12.61 -18.95
C ALA B 211 7.05 11.29 -19.70
N GLU B 212 7.12 11.34 -21.03
CA GLU B 212 7.31 10.12 -21.85
C GLU B 212 8.61 9.40 -21.48
N SER B 213 9.68 10.19 -21.44
CA SER B 213 11.01 9.74 -21.10
C SER B 213 11.09 9.12 -19.69
N LEU B 214 10.44 9.77 -18.73
CA LEU B 214 10.40 9.28 -17.37
C LEU B 214 9.65 7.91 -17.26
N THR B 215 8.46 7.84 -17.85
CA THR B 215 7.63 6.63 -17.85
C THR B 215 8.29 5.45 -18.54
N ARG B 216 8.80 5.67 -19.76
CA ARG B 216 9.56 4.65 -20.50
C ARG B 216 10.65 4.03 -19.61
N GLN B 217 11.44 4.86 -18.94
CA GLN B 217 12.52 4.39 -18.09
C GLN B 217 12.02 3.69 -16.83
N ARG B 218 11.11 4.34 -16.10
CA ARG B 218 10.73 3.93 -14.78
C ARG B 218 9.45 3.07 -14.68
N ARG B 219 8.53 3.23 -15.63
CA ARG B 219 7.27 2.47 -15.58
C ARG B 219 6.87 1.92 -16.95
N PRO B 220 7.73 1.07 -17.56
CA PRO B 220 7.47 0.53 -18.91
C PRO B 220 6.09 -0.11 -19.09
N ASP B 221 5.49 -0.54 -17.97
CA ASP B 221 4.16 -1.14 -17.98
C ASP B 221 3.14 -0.06 -18.33
N LEU B 222 3.19 1.05 -17.60
CA LEU B 222 2.40 2.21 -17.96
C LEU B 222 2.67 2.67 -19.38
N TYR B 223 3.95 2.76 -19.75
CA TYR B 223 4.31 3.19 -21.09
C TYR B 223 3.71 2.26 -22.17
N ALA B 224 3.61 0.96 -21.87
CA ALA B 224 2.98 -0.02 -22.77
C ALA B 224 1.49 0.25 -23.00
N LEU B 225 0.77 0.66 -21.96
CA LEU B 225 -0.64 1.02 -22.07
C LEU B 225 -0.81 2.36 -22.77
N TYR B 226 0.20 3.21 -22.65
CA TYR B 226 0.26 4.47 -23.39
C TYR B 226 0.34 4.17 -24.89
N ASN B 227 1.16 3.18 -25.25
CA ASN B 227 1.35 2.81 -26.64
C ASN B 227 0.20 1.98 -27.20
N LYS B 228 -0.46 1.20 -26.35
CA LYS B 228 -1.64 0.42 -26.77
C LYS B 228 -2.82 1.33 -27.19
N ASN B 229 -2.51 2.62 -27.40
CA ASN B 229 -3.37 3.56 -28.14
C ASN B 229 -2.61 4.81 -28.62
#